data_5K0W
#
_entry.id   5K0W
#
_cell.length_a   64.000
_cell.length_b   48.510
_cell.length_c   88.940
_cell.angle_alpha   90.00
_cell.angle_beta   100.10
_cell.angle_gamma   90.00
#
_symmetry.space_group_name_H-M   'P 1 21 1'
#
loop_
_entity.id
_entity.type
_entity.pdbx_description
1 polymer 'Class B carbapenemase GOB-18'
2 non-polymer 'ZINC ION'
3 non-polymer 'CHLORIDE ION'
4 non-polymer GLYCEROL
5 water water
#
_entity_poly.entity_id   1
_entity_poly.type   'polypeptide(L)'
_entity_poly.pdbx_seq_one_letter_code
;MRNFATLFFMFICLGLSAQVVKEPENMPKEWNQAYEPFRIAGNLYYVGTYDLASYLIVTDKGNILINTGTAESFPIIKAN
IQKLGFNYKDIKILLLTQAHYDHTGALQDFKTETAAKFYVDKADVDVLRTGGKSDYEMGKYGVTFKPVTPDKTLKDQDKI
KLGNITLTLLHHPGHTKGSCSFIFETKDEKRKYRVLIANMPSVIVDKKFSEVTAYPNIQSDYAYTFGVMKKLDFDIWVAS
HASQFDLHEKRKEGDPYNPQLFMDKQSYFQNLNDLEKSYLNKIKKDSQDK
;
_entity_poly.pdbx_strand_id   A,B
#
# COMPACT_ATOMS: atom_id res chain seq x y z
N SER A 17 -4.53 -38.01 -26.72
CA SER A 17 -3.72 -37.35 -27.75
C SER A 17 -3.17 -36.00 -27.25
N ALA A 18 -1.86 -35.96 -26.97
CA ALA A 18 -1.19 -34.72 -26.54
C ALA A 18 0.23 -34.68 -27.05
N GLN A 19 0.64 -33.52 -27.60
CA GLN A 19 2.00 -33.25 -28.06
C GLN A 19 2.89 -33.44 -26.81
N VAL A 20 3.91 -34.30 -26.91
CA VAL A 20 4.77 -34.71 -25.82
C VAL A 20 5.75 -33.62 -25.38
N VAL A 21 5.79 -33.35 -24.06
CA VAL A 21 6.70 -32.41 -23.41
C VAL A 21 7.96 -33.18 -22.97
N LYS A 22 9.17 -32.66 -23.26
CA LYS A 22 10.42 -33.26 -22.83
C LYS A 22 11.51 -32.22 -22.59
N GLU A 23 11.87 -32.01 -21.31
CA GLU A 23 12.91 -31.07 -20.90
C GLU A 23 14.28 -31.63 -21.31
N PRO A 24 15.30 -30.77 -21.61
CA PRO A 24 16.61 -31.32 -21.97
C PRO A 24 17.17 -32.26 -20.91
N GLU A 25 17.93 -33.26 -21.39
CA GLU A 25 18.62 -34.26 -20.58
C GLU A 25 19.79 -33.48 -19.92
N ASN A 26 20.27 -33.95 -18.78
CA ASN A 26 21.39 -33.35 -18.03
C ASN A 26 21.28 -31.87 -17.55
N MET A 27 20.17 -31.54 -16.88
CA MET A 27 19.91 -30.23 -16.28
C MET A 27 20.78 -30.05 -15.04
N PRO A 28 21.17 -28.81 -14.65
CA PRO A 28 22.00 -28.66 -13.44
C PRO A 28 21.25 -29.01 -12.18
N LYS A 29 21.94 -29.61 -11.20
CA LYS A 29 21.43 -30.07 -9.92
C LYS A 29 20.68 -28.97 -9.17
N GLU A 30 21.27 -27.77 -9.11
CA GLU A 30 20.75 -26.58 -8.40
C GLU A 30 19.38 -26.09 -8.90
N TRP A 31 18.97 -26.48 -10.10
CA TRP A 31 17.71 -26.05 -10.70
C TRP A 31 16.48 -26.65 -10.05
N ASN A 32 16.56 -27.94 -9.67
CA ASN A 32 15.46 -28.70 -9.05
C ASN A 32 15.70 -28.89 -7.55
N GLN A 33 16.80 -28.35 -7.05
CA GLN A 33 17.21 -28.41 -5.65
C GLN A 33 16.38 -27.42 -4.83
N ALA A 34 15.83 -27.88 -3.68
CA ALA A 34 14.99 -27.05 -2.81
C ALA A 34 15.77 -25.95 -2.11
N TYR A 35 15.10 -24.82 -1.89
CA TYR A 35 15.64 -23.67 -1.18
C TYR A 35 14.52 -23.11 -0.30
N GLU A 36 14.85 -22.84 0.96
CA GLU A 36 13.96 -22.31 1.97
C GLU A 36 13.46 -20.90 1.61
N PRO A 37 12.13 -20.67 1.48
CA PRO A 37 11.66 -19.31 1.13
C PRO A 37 11.98 -18.24 2.17
N PHE A 38 12.16 -16.98 1.70
CA PHE A 38 12.46 -15.84 2.56
C PHE A 38 11.85 -14.53 2.05
N ARG A 39 11.79 -13.52 2.93
CA ARG A 39 11.29 -12.19 2.61
C ARG A 39 12.44 -11.36 2.06
N ILE A 40 12.32 -10.86 0.82
CA ILE A 40 13.37 -10.04 0.22
C ILE A 40 13.29 -8.62 0.80
N ALA A 41 12.19 -7.92 0.49
CA ALA A 41 11.90 -6.54 0.93
C ALA A 41 10.41 -6.29 0.87
N GLY A 42 9.87 -5.72 1.94
CA GLY A 42 8.46 -5.41 2.04
C GLY A 42 7.56 -6.60 1.79
N ASN A 43 6.82 -6.55 0.67
CA ASN A 43 5.88 -7.62 0.30
C ASN A 43 6.38 -8.53 -0.81
N LEU A 44 7.71 -8.50 -1.06
CA LEU A 44 8.40 -9.34 -2.03
C LEU A 44 9.10 -10.49 -1.32
N TYR A 45 8.81 -11.71 -1.77
CA TYR A 45 9.34 -12.93 -1.19
C TYR A 45 9.97 -13.80 -2.27
N TYR A 46 11.04 -14.54 -1.91
CA TYR A 46 11.69 -15.49 -2.80
C TYR A 46 11.04 -16.85 -2.53
N VAL A 47 10.41 -17.46 -3.54
CA VAL A 47 9.72 -18.76 -3.42
C VAL A 47 10.29 -19.80 -4.42
N GLY A 48 11.38 -19.42 -5.10
CA GLY A 48 12.06 -20.25 -6.10
C GLY A 48 12.84 -21.40 -5.53
N THR A 49 13.56 -22.11 -6.41
CA THR A 49 14.40 -23.25 -6.05
C THR A 49 15.79 -22.70 -5.74
N TYR A 50 16.78 -23.59 -5.53
CA TYR A 50 18.14 -23.19 -5.23
C TYR A 50 18.69 -22.19 -6.24
N ASP A 51 18.50 -22.41 -7.54
CA ASP A 51 18.97 -21.48 -8.57
C ASP A 51 17.86 -20.79 -9.36
N LEU A 52 16.71 -21.44 -9.54
CA LEU A 52 15.63 -20.87 -10.33
C LEU A 52 14.74 -19.97 -9.53
N ALA A 53 15.00 -18.67 -9.64
CA ALA A 53 14.27 -17.64 -8.91
C ALA A 53 12.81 -17.53 -9.33
N SER A 54 11.94 -17.54 -8.32
CA SER A 54 10.49 -17.38 -8.44
C SER A 54 10.10 -16.37 -7.36
N TYR A 55 9.46 -15.28 -7.77
CA TYR A 55 9.11 -14.18 -6.88
C TYR A 55 7.63 -14.09 -6.58
N LEU A 56 7.30 -13.89 -5.31
CA LEU A 56 5.94 -13.75 -4.85
C LEU A 56 5.69 -12.36 -4.25
N ILE A 57 4.70 -11.65 -4.80
CA ILE A 57 4.29 -10.33 -4.33
C ILE A 57 2.91 -10.50 -3.71
N VAL A 58 2.84 -10.31 -2.40
CA VAL A 58 1.62 -10.46 -1.62
C VAL A 58 0.89 -9.13 -1.52
N THR A 59 -0.38 -9.07 -1.99
CA THR A 59 -1.18 -7.84 -1.87
C THR A 59 -2.46 -8.12 -1.09
N ASP A 60 -3.16 -7.03 -0.77
CA ASP A 60 -4.44 -6.96 -0.05
C ASP A 60 -5.58 -7.62 -0.84
N LYS A 61 -5.49 -7.56 -2.19
CA LYS A 61 -6.46 -8.07 -3.17
C LYS A 61 -5.99 -9.35 -3.89
N GLY A 62 -4.92 -10.00 -3.40
CA GLY A 62 -4.39 -11.21 -4.00
C GLY A 62 -2.88 -11.21 -4.21
N ASN A 63 -2.35 -12.26 -4.85
CA ASN A 63 -0.91 -12.43 -5.09
C ASN A 63 -0.49 -12.45 -6.54
N ILE A 64 0.79 -12.11 -6.75
CA ILE A 64 1.44 -12.10 -8.06
C ILE A 64 2.61 -13.05 -7.96
N LEU A 65 2.79 -13.89 -8.99
CA LEU A 65 3.94 -14.76 -9.05
C LEU A 65 4.73 -14.49 -10.34
N ILE A 66 6.02 -14.11 -10.19
CA ILE A 66 6.92 -13.88 -11.31
C ILE A 66 7.87 -15.08 -11.37
N ASN A 67 7.88 -15.80 -12.51
CA ASN A 67 8.71 -17.00 -12.81
C ASN A 67 8.36 -18.28 -12.03
N THR A 68 8.53 -19.48 -12.68
CA THR A 68 8.13 -20.75 -12.08
C THR A 68 9.10 -21.94 -12.07
N GLY A 69 10.37 -21.79 -12.42
CA GLY A 69 11.27 -22.96 -12.47
C GLY A 69 10.83 -24.02 -13.49
N THR A 70 11.47 -25.23 -13.49
CA THR A 70 11.16 -26.34 -14.41
C THR A 70 9.81 -26.98 -14.04
N ALA A 71 9.42 -28.09 -14.70
CA ALA A 71 8.17 -28.81 -14.40
C ALA A 71 8.13 -29.31 -12.96
N GLU A 72 9.24 -29.90 -12.50
CA GLU A 72 9.38 -30.43 -11.14
C GLU A 72 9.51 -29.36 -10.01
N SER A 73 9.51 -28.06 -10.39
CA SER A 73 9.59 -26.97 -9.43
CA SER A 73 9.58 -26.96 -9.43
C SER A 73 8.18 -26.63 -8.89
N PHE A 74 7.12 -27.16 -9.54
CA PHE A 74 5.72 -26.97 -9.15
C PHE A 74 5.43 -27.37 -7.70
N PRO A 75 5.74 -28.63 -7.23
CA PRO A 75 5.49 -28.95 -5.81
C PRO A 75 6.31 -28.08 -4.85
N ILE A 76 7.59 -27.76 -5.24
CA ILE A 76 8.54 -26.93 -4.47
C ILE A 76 8.00 -25.51 -4.24
N ILE A 77 7.58 -24.80 -5.32
CA ILE A 77 7.07 -23.44 -5.22
C ILE A 77 5.80 -23.41 -4.40
N LYS A 78 4.92 -24.38 -4.62
CA LYS A 78 3.66 -24.52 -3.87
C LYS A 78 3.94 -24.70 -2.38
N ALA A 79 4.95 -25.52 -2.05
CA ALA A 79 5.37 -25.81 -0.67
C ALA A 79 6.01 -24.58 -0.02
N ASN A 80 6.84 -23.84 -0.79
CA ASN A 80 7.51 -22.61 -0.35
C ASN A 80 6.48 -21.53 -0.03
N ILE A 81 5.44 -21.38 -0.89
CA ILE A 81 4.36 -20.40 -0.69
C ILE A 81 3.65 -20.68 0.63
N GLN A 82 3.30 -21.98 0.89
CA GLN A 82 2.66 -22.45 2.12
C GLN A 82 3.55 -22.15 3.35
N LYS A 83 4.86 -22.48 3.29
CA LYS A 83 5.86 -22.26 4.34
C LYS A 83 5.89 -20.80 4.87
N LEU A 84 5.70 -19.82 3.98
CA LEU A 84 5.68 -18.42 4.38
C LEU A 84 4.35 -17.98 5.01
N GLY A 85 3.34 -18.85 4.96
CA GLY A 85 2.01 -18.60 5.47
C GLY A 85 1.06 -18.04 4.43
N PHE A 86 1.38 -18.22 3.13
CA PHE A 86 0.52 -17.71 2.04
C PHE A 86 -0.15 -18.82 1.25
N ASN A 87 -1.26 -18.48 0.57
CA ASN A 87 -2.03 -19.43 -0.22
C ASN A 87 -1.76 -19.21 -1.71
N TYR A 88 -1.22 -20.24 -2.41
CA TYR A 88 -0.98 -20.20 -3.85
C TYR A 88 -2.30 -20.05 -4.64
N LYS A 89 -3.44 -20.46 -4.05
CA LYS A 89 -4.77 -20.35 -4.67
C LYS A 89 -5.23 -18.88 -4.79
N ASP A 90 -4.46 -17.97 -4.16
CA ASP A 90 -4.69 -16.53 -4.15
C ASP A 90 -3.79 -15.80 -5.14
N ILE A 91 -3.03 -16.55 -5.98
CA ILE A 91 -2.22 -15.96 -7.04
C ILE A 91 -3.24 -15.50 -8.09
N LYS A 92 -3.31 -14.19 -8.28
CA LYS A 92 -4.24 -13.58 -9.22
C LYS A 92 -3.61 -13.33 -10.58
N ILE A 93 -2.26 -13.11 -10.61
CA ILE A 93 -1.48 -12.81 -11.83
C ILE A 93 -0.17 -13.63 -11.91
N LEU A 94 0.11 -14.16 -13.08
CA LEU A 94 1.35 -14.88 -13.38
C LEU A 94 2.19 -14.04 -14.36
N LEU A 95 3.46 -13.77 -14.03
CA LEU A 95 4.39 -12.98 -14.87
C LEU A 95 5.69 -13.73 -15.20
N LEU A 96 6.40 -13.29 -16.26
CA LEU A 96 7.61 -13.92 -16.78
C LEU A 96 8.73 -12.95 -17.09
N THR A 97 9.97 -13.35 -16.85
CA THR A 97 11.12 -12.50 -17.22
C THR A 97 11.74 -12.97 -18.55
N GLN A 98 11.48 -14.24 -18.94
CA GLN A 98 11.98 -14.88 -20.15
C GLN A 98 11.20 -16.18 -20.45
N ALA A 99 10.96 -16.49 -21.75
CA ALA A 99 10.19 -17.69 -22.17
C ALA A 99 11.04 -18.93 -22.43
N HIS A 100 11.76 -19.38 -21.38
CA HIS A 100 12.55 -20.61 -21.37
C HIS A 100 11.98 -21.55 -20.33
N TYR A 101 11.97 -22.87 -20.60
CA TYR A 101 11.44 -23.95 -19.73
C TYR A 101 11.85 -23.84 -18.24
N ASP A 102 13.05 -23.30 -17.96
CA ASP A 102 13.55 -23.14 -16.60
C ASP A 102 12.89 -21.97 -15.84
N HIS A 103 11.94 -21.26 -16.46
CA HIS A 103 11.16 -20.19 -15.82
C HIS A 103 9.67 -20.34 -16.16
N THR A 104 9.33 -21.20 -17.15
CA THR A 104 7.95 -21.43 -17.63
C THR A 104 7.43 -22.85 -17.36
N GLY A 105 8.27 -23.77 -16.94
CA GLY A 105 7.88 -25.17 -16.76
C GLY A 105 6.64 -25.47 -15.92
N ALA A 106 6.39 -24.67 -14.85
CA ALA A 106 5.23 -24.88 -13.99
C ALA A 106 4.10 -23.92 -14.25
N LEU A 107 4.21 -23.09 -15.31
CA LEU A 107 3.24 -22.06 -15.69
C LEU A 107 1.85 -22.56 -15.98
N GLN A 108 1.74 -23.67 -16.74
CA GLN A 108 0.45 -24.27 -17.06
C GLN A 108 -0.15 -24.89 -15.82
N ASP A 109 0.69 -25.60 -15.02
CA ASP A 109 0.32 -26.25 -13.77
C ASP A 109 -0.30 -25.21 -12.82
N PHE A 110 0.31 -23.99 -12.74
CA PHE A 110 -0.19 -22.88 -11.94
C PHE A 110 -1.49 -22.31 -12.52
N LYS A 111 -1.52 -22.03 -13.84
CA LYS A 111 -2.70 -21.48 -14.51
C LYS A 111 -3.98 -22.32 -14.31
N THR A 112 -3.86 -23.67 -14.42
CA THR A 112 -4.99 -24.59 -14.25
C THR A 112 -5.43 -24.73 -12.79
N GLU A 113 -4.48 -24.92 -11.88
CA GLU A 113 -4.77 -25.12 -10.45
C GLU A 113 -5.25 -23.90 -9.69
N THR A 114 -4.96 -22.69 -10.19
CA THR A 114 -5.32 -21.44 -9.51
C THR A 114 -6.31 -20.54 -10.26
N ALA A 115 -6.49 -20.74 -11.58
CA ALA A 115 -7.32 -19.88 -12.44
C ALA A 115 -6.87 -18.38 -12.34
N ALA A 116 -5.55 -18.20 -12.34
CA ALA A 116 -4.88 -16.91 -12.32
C ALA A 116 -4.80 -16.47 -13.77
N LYS A 117 -4.64 -15.16 -14.00
CA LYS A 117 -4.48 -14.63 -15.35
C LYS A 117 -2.99 -14.58 -15.67
N PHE A 118 -2.63 -14.89 -16.91
CA PHE A 118 -1.25 -14.89 -17.35
C PHE A 118 -0.99 -13.75 -18.33
N TYR A 119 -0.11 -12.80 -17.94
CA TYR A 119 0.27 -11.64 -18.74
C TYR A 119 1.72 -11.81 -19.16
N VAL A 120 2.02 -11.61 -20.44
CA VAL A 120 3.38 -11.77 -20.97
C VAL A 120 3.77 -10.72 -22.01
N ASP A 121 5.09 -10.52 -22.21
CA ASP A 121 5.67 -9.62 -23.20
C ASP A 121 5.18 -10.10 -24.56
N LYS A 122 4.64 -9.18 -25.38
CA LYS A 122 4.08 -9.52 -26.69
C LYS A 122 5.03 -10.36 -27.54
N ALA A 123 6.33 -9.99 -27.57
CA ALA A 123 7.34 -10.70 -28.36
C ALA A 123 7.54 -12.19 -28.05
N ASP A 124 7.13 -12.68 -26.86
CA ASP A 124 7.30 -14.08 -26.48
C ASP A 124 6.07 -14.99 -26.60
N VAL A 125 4.94 -14.42 -27.08
CA VAL A 125 3.67 -15.10 -27.27
C VAL A 125 3.74 -16.46 -28.00
N ASP A 126 4.33 -16.52 -29.21
CA ASP A 126 4.45 -17.73 -30.00
C ASP A 126 5.25 -18.83 -29.31
N VAL A 127 6.36 -18.47 -28.64
CA VAL A 127 7.17 -19.43 -27.86
C VAL A 127 6.29 -20.12 -26.77
N LEU A 128 5.42 -19.35 -26.13
CA LEU A 128 4.57 -19.84 -25.06
C LEU A 128 3.42 -20.73 -25.54
N ARG A 129 2.81 -20.36 -26.67
CA ARG A 129 1.70 -21.10 -27.26
C ARG A 129 2.17 -22.43 -27.88
N THR A 130 3.45 -22.50 -28.31
CA THR A 130 4.07 -23.67 -28.94
C THR A 130 4.94 -24.47 -27.96
N GLY A 131 4.94 -24.09 -26.68
CA GLY A 131 5.71 -24.75 -25.64
C GLY A 131 7.21 -24.87 -25.94
N GLY A 132 7.74 -23.87 -26.62
CA GLY A 132 9.15 -23.81 -26.94
C GLY A 132 9.55 -24.07 -28.38
N LYS A 133 8.65 -24.68 -29.18
CA LYS A 133 8.92 -25.01 -30.59
C LYS A 133 9.39 -23.84 -31.43
N SER A 134 8.81 -22.63 -31.22
CA SER A 134 9.21 -21.45 -31.99
C SER A 134 10.46 -20.73 -31.50
N ASP A 135 11.08 -21.17 -30.39
CA ASP A 135 12.28 -20.50 -29.85
C ASP A 135 13.46 -20.58 -30.82
N TYR A 136 14.07 -19.42 -31.15
CA TYR A 136 15.22 -19.27 -32.05
C TYR A 136 16.42 -20.14 -31.66
N GLU A 137 16.47 -20.58 -30.40
CA GLU A 137 17.52 -21.45 -29.94
C GLU A 137 16.96 -22.72 -29.31
N MET A 138 15.99 -22.59 -28.40
CA MET A 138 15.39 -23.72 -27.66
C MET A 138 14.42 -24.61 -28.46
N GLY A 139 14.05 -24.17 -29.66
CA GLY A 139 13.17 -24.87 -30.59
C GLY A 139 13.74 -26.19 -31.08
N LYS A 140 15.09 -26.28 -31.19
CA LYS A 140 15.81 -27.51 -31.59
C LYS A 140 15.48 -28.70 -30.65
N TYR A 141 15.02 -28.42 -29.42
CA TYR A 141 14.62 -29.39 -28.40
C TYR A 141 13.12 -29.75 -28.48
N GLY A 142 12.38 -29.12 -29.39
CA GLY A 142 10.95 -29.34 -29.55
C GLY A 142 10.11 -28.67 -28.48
N VAL A 143 9.27 -29.46 -27.77
CA VAL A 143 8.41 -28.97 -26.68
C VAL A 143 9.12 -29.22 -25.37
N THR A 144 9.71 -28.17 -24.78
CA THR A 144 10.45 -28.23 -23.51
C THR A 144 9.59 -27.93 -22.29
N PHE A 145 8.38 -27.40 -22.51
CA PHE A 145 7.47 -27.05 -21.42
C PHE A 145 6.04 -27.07 -21.93
N LYS A 146 5.07 -27.31 -21.02
CA LYS A 146 3.63 -27.35 -21.33
C LYS A 146 3.22 -26.02 -21.91
N PRO A 147 2.78 -25.97 -23.19
CA PRO A 147 2.36 -24.68 -23.76
C PRO A 147 1.26 -23.98 -22.95
N VAL A 148 1.31 -22.64 -22.92
CA VAL A 148 0.36 -21.78 -22.19
C VAL A 148 -0.12 -20.62 -23.09
N THR A 149 -1.41 -20.22 -22.92
CA THR A 149 -2.04 -19.13 -23.68
C THR A 149 -2.21 -17.86 -22.83
N PRO A 150 -1.48 -16.76 -23.13
CA PRO A 150 -1.63 -15.55 -22.30
C PRO A 150 -3.00 -14.89 -22.43
N ASP A 151 -3.51 -14.40 -21.29
CA ASP A 151 -4.79 -13.71 -21.16
C ASP A 151 -4.62 -12.25 -21.61
N LYS A 152 -3.39 -11.73 -21.55
CA LYS A 152 -3.06 -10.37 -21.97
C LYS A 152 -1.63 -10.33 -22.48
N THR A 153 -1.34 -9.36 -23.35
CA THR A 153 -0.01 -9.12 -23.91
C THR A 153 0.50 -7.75 -23.46
N LEU A 154 1.78 -7.68 -23.10
CA LEU A 154 2.35 -6.44 -22.60
C LEU A 154 3.49 -5.92 -23.47
N LYS A 155 3.57 -4.60 -23.56
CA LYS A 155 4.57 -3.84 -24.30
C LYS A 155 5.38 -3.07 -23.26
N ASP A 156 6.50 -2.49 -23.67
CA ASP A 156 7.35 -1.72 -22.79
C ASP A 156 6.55 -0.64 -22.09
N GLN A 157 6.82 -0.46 -20.77
CA GLN A 157 6.24 0.55 -19.87
C GLN A 157 4.81 0.29 -19.45
N ASP A 158 4.25 -0.87 -19.82
CA ASP A 158 2.88 -1.24 -19.44
C ASP A 158 2.82 -1.50 -17.96
N LYS A 159 1.77 -1.00 -17.31
CA LYS A 159 1.54 -1.12 -15.86
C LYS A 159 0.62 -2.31 -15.52
N ILE A 160 1.02 -3.12 -14.52
CA ILE A 160 0.25 -4.26 -14.00
C ILE A 160 -0.13 -3.85 -12.58
N LYS A 161 -1.43 -3.82 -12.29
CA LYS A 161 -1.90 -3.37 -10.97
C LYS A 161 -2.74 -4.40 -10.24
N LEU A 162 -2.49 -4.56 -8.93
CA LEU A 162 -3.20 -5.48 -8.03
C LEU A 162 -3.00 -4.87 -6.65
N GLY A 163 -4.08 -4.40 -6.05
CA GLY A 163 -4.00 -3.69 -4.77
C GLY A 163 -3.28 -2.37 -4.96
N ASN A 164 -2.43 -1.98 -4.00
CA ASN A 164 -1.64 -0.75 -4.04
C ASN A 164 -0.37 -0.92 -4.87
N ILE A 165 0.04 -2.20 -5.09
CA ILE A 165 1.20 -2.62 -5.88
C ILE A 165 0.98 -2.31 -7.36
N THR A 166 1.99 -1.68 -8.00
CA THR A 166 2.02 -1.36 -9.43
C THR A 166 3.38 -1.79 -9.98
N LEU A 167 3.37 -2.70 -10.96
CA LEU A 167 4.58 -3.18 -11.61
C LEU A 167 4.66 -2.61 -13.00
N THR A 168 5.86 -2.24 -13.43
CA THR A 168 6.08 -1.72 -14.78
C THR A 168 6.93 -2.73 -15.50
N LEU A 169 6.49 -3.14 -16.70
CA LEU A 169 7.26 -4.07 -17.52
C LEU A 169 8.32 -3.27 -18.27
N LEU A 170 9.57 -3.71 -18.19
CA LEU A 170 10.67 -3.09 -18.91
C LEU A 170 11.12 -4.11 -19.97
N HIS A 171 10.83 -3.82 -21.25
CA HIS A 171 11.21 -4.68 -22.36
C HIS A 171 12.74 -4.72 -22.49
N HIS A 172 13.34 -5.89 -22.20
CA HIS A 172 14.78 -6.14 -22.24
C HIS A 172 15.07 -7.36 -23.15
N PRO A 173 14.88 -7.24 -24.50
CA PRO A 173 15.06 -8.43 -25.37
C PRO A 173 16.50 -8.89 -25.57
N GLY A 174 16.66 -10.03 -26.25
CA GLY A 174 17.94 -10.61 -26.56
C GLY A 174 18.00 -12.04 -26.09
N HIS A 175 17.96 -12.24 -24.77
CA HIS A 175 18.01 -13.57 -24.20
C HIS A 175 16.88 -14.43 -24.80
N THR A 176 15.71 -13.83 -24.93
CA THR A 176 14.50 -14.31 -25.61
C THR A 176 14.01 -13.02 -26.32
N LYS A 177 13.16 -13.18 -27.36
CA LYS A 177 12.60 -12.05 -28.12
C LYS A 177 11.83 -11.10 -27.20
N GLY A 178 11.18 -11.64 -26.16
CA GLY A 178 10.43 -10.85 -25.20
C GLY A 178 10.89 -10.97 -23.76
N SER A 179 12.21 -11.10 -23.53
CA SER A 179 12.70 -11.13 -22.16
C SER A 179 12.47 -9.72 -21.57
N CYS A 180 12.15 -9.66 -20.29
CA CYS A 180 11.84 -8.39 -19.66
C CYS A 180 12.18 -8.36 -18.19
N SER A 181 12.20 -7.17 -17.62
CA SER A 181 12.43 -6.99 -16.20
C SER A 181 11.22 -6.24 -15.66
N PHE A 182 11.09 -6.22 -14.33
CA PHE A 182 9.98 -5.52 -13.69
C PHE A 182 10.50 -4.57 -12.64
N ILE A 183 9.86 -3.41 -12.55
CA ILE A 183 10.23 -2.38 -11.60
C ILE A 183 8.99 -1.94 -10.83
N PHE A 184 9.11 -1.97 -9.50
CA PHE A 184 8.00 -1.59 -8.62
C PHE A 184 8.51 -1.10 -7.28
N GLU A 185 7.63 -0.45 -6.53
CA GLU A 185 7.91 0.00 -5.19
C GLU A 185 7.18 -0.93 -4.23
N THR A 186 7.78 -1.19 -3.09
CA THR A 186 7.22 -1.98 -1.99
C THR A 186 7.67 -1.36 -0.68
N LYS A 187 6.93 -1.62 0.40
CA LYS A 187 7.29 -1.02 1.67
C LYS A 187 7.19 -1.93 2.86
N ASP A 188 8.06 -1.69 3.83
CA ASP A 188 8.01 -2.36 5.11
C ASP A 188 7.66 -1.27 6.14
N GLU A 189 7.79 -1.59 7.42
CA GLU A 189 7.51 -0.70 8.55
C GLU A 189 8.48 0.49 8.57
N LYS A 190 9.72 0.27 8.10
CA LYS A 190 10.84 1.19 8.03
C LYS A 190 10.79 2.18 6.82
N ARG A 191 10.76 1.68 5.57
CA ARG A 191 10.83 2.52 4.35
C ARG A 191 10.19 1.91 3.10
N LYS A 192 10.28 2.64 1.98
CA LYS A 192 9.83 2.25 0.63
C LYS A 192 11.09 1.76 -0.10
N TYR A 193 10.93 0.88 -1.09
CA TYR A 193 12.03 0.31 -1.87
C TYR A 193 11.65 0.20 -3.33
N ARG A 194 12.46 0.77 -4.23
CA ARG A 194 12.24 0.64 -5.67
C ARG A 194 12.98 -0.66 -6.04
N VAL A 195 12.19 -1.71 -6.31
CA VAL A 195 12.70 -3.04 -6.61
C VAL A 195 12.76 -3.31 -8.12
N LEU A 196 13.91 -3.82 -8.59
CA LEU A 196 14.13 -4.23 -9.96
C LEU A 196 14.32 -5.74 -10.00
N ILE A 197 13.47 -6.44 -10.77
CA ILE A 197 13.59 -7.89 -10.99
C ILE A 197 14.16 -7.98 -12.41
N ALA A 198 15.48 -8.14 -12.51
CA ALA A 198 16.19 -8.13 -13.77
C ALA A 198 16.33 -9.44 -14.53
N ASN A 199 16.29 -9.38 -15.86
CA ASN A 199 16.60 -10.51 -16.69
C ASN A 199 17.91 -10.12 -17.39
N MET A 200 19.03 -10.56 -16.81
CA MET A 200 20.39 -10.28 -17.26
C MET A 200 20.61 -10.63 -18.74
N PRO A 201 21.13 -9.68 -19.54
CA PRO A 201 21.24 -9.92 -20.98
C PRO A 201 22.43 -10.78 -21.44
N SER A 202 22.38 -12.08 -21.16
CA SER A 202 23.39 -13.05 -21.59
C SER A 202 23.10 -13.59 -23.01
N VAL A 203 24.14 -14.10 -23.70
CA VAL A 203 24.04 -14.65 -25.07
C VAL A 203 24.07 -16.18 -25.04
N ILE A 204 22.98 -16.83 -25.52
CA ILE A 204 22.83 -18.30 -25.56
C ILE A 204 23.25 -18.97 -26.89
N VAL A 205 23.41 -18.16 -27.95
CA VAL A 205 23.84 -18.63 -29.28
C VAL A 205 25.36 -18.67 -29.42
N ASP A 206 25.87 -19.77 -29.94
CA ASP A 206 27.30 -20.04 -30.18
C ASP A 206 27.74 -19.47 -31.55
N LYS A 207 26.81 -19.43 -32.52
CA LYS A 207 27.02 -18.91 -33.88
C LYS A 207 26.83 -17.36 -33.99
N LYS A 208 27.31 -16.77 -35.10
CA LYS A 208 27.25 -15.33 -35.43
C LYS A 208 25.82 -14.84 -35.54
N PHE A 209 25.51 -13.65 -34.98
CA PHE A 209 24.14 -13.09 -34.98
C PHE A 209 23.51 -13.03 -36.38
N SER A 210 24.36 -12.87 -37.40
CA SER A 210 23.98 -12.81 -38.81
C SER A 210 23.44 -14.17 -39.29
N GLU A 211 23.93 -15.28 -38.68
CA GLU A 211 23.48 -16.63 -39.00
C GLU A 211 22.09 -16.90 -38.38
N VAL A 212 21.76 -16.23 -37.26
CA VAL A 212 20.51 -16.41 -36.51
C VAL A 212 19.37 -15.76 -37.28
N THR A 213 18.95 -16.41 -38.38
CA THR A 213 17.89 -15.94 -39.27
C THR A 213 16.49 -16.10 -38.63
N ALA A 214 16.38 -16.88 -37.55
CA ALA A 214 15.13 -17.09 -36.81
C ALA A 214 14.79 -15.87 -35.96
N TYR A 215 15.84 -15.09 -35.56
CA TYR A 215 15.71 -13.88 -34.76
C TYR A 215 16.45 -12.75 -35.52
N PRO A 216 15.75 -12.10 -36.49
CA PRO A 216 16.41 -11.06 -37.31
C PRO A 216 16.97 -9.87 -36.55
N ASN A 217 16.26 -9.41 -35.50
CA ASN A 217 16.68 -8.26 -34.69
C ASN A 217 17.46 -8.59 -33.39
N ILE A 218 18.13 -9.78 -33.32
CA ILE A 218 18.90 -10.24 -32.13
C ILE A 218 19.99 -9.26 -31.64
N GLN A 219 20.85 -8.82 -32.57
CA GLN A 219 21.96 -7.93 -32.31
C GLN A 219 21.50 -6.57 -31.83
N SER A 220 20.59 -5.94 -32.61
CA SER A 220 20.03 -4.63 -32.28
C SER A 220 19.24 -4.67 -30.97
N ASP A 221 18.51 -5.79 -30.70
CA ASP A 221 17.72 -5.96 -29.47
C ASP A 221 18.58 -5.86 -28.22
N TYR A 222 19.66 -6.70 -28.10
CA TYR A 222 20.68 -6.70 -27.05
C TYR A 222 21.31 -5.29 -26.90
N ALA A 223 21.62 -4.64 -28.06
CA ALA A 223 22.22 -3.31 -28.08
C ALA A 223 21.32 -2.28 -27.37
N TYR A 224 20.00 -2.34 -27.62
CA TYR A 224 19.03 -1.48 -26.98
C TYR A 224 19.05 -1.81 -25.47
N THR A 225 18.84 -3.12 -25.12
CA THR A 225 18.82 -3.72 -23.79
C THR A 225 19.96 -3.22 -22.91
N PHE A 226 21.21 -3.20 -23.43
CA PHE A 226 22.36 -2.71 -22.66
C PHE A 226 22.24 -1.21 -22.37
N GLY A 227 21.76 -0.47 -23.36
CA GLY A 227 21.55 0.97 -23.21
C GLY A 227 20.56 1.30 -22.11
N VAL A 228 19.36 0.75 -22.21
CA VAL A 228 18.24 0.97 -21.29
C VAL A 228 18.52 0.44 -19.85
N MET A 229 19.22 -0.70 -19.72
CA MET A 229 19.54 -1.31 -18.43
C MET A 229 20.57 -0.52 -17.59
N LYS A 230 21.50 0.19 -18.24
CA LYS A 230 22.53 1.02 -17.57
C LYS A 230 21.95 2.30 -16.96
N LYS A 231 20.78 2.75 -17.46
CA LYS A 231 20.10 3.99 -17.04
C LYS A 231 18.95 3.79 -16.04
N LEU A 232 18.82 2.57 -15.48
CA LEU A 232 17.76 2.26 -14.53
C LEU A 232 18.10 2.75 -13.13
N ASP A 233 17.05 3.22 -12.41
CA ASP A 233 17.15 3.69 -11.00
C ASP A 233 16.30 2.76 -10.13
N PHE A 234 16.93 2.20 -9.08
CA PHE A 234 16.31 1.21 -8.18
C PHE A 234 17.03 1.22 -6.85
N ASP A 235 16.41 0.65 -5.80
CA ASP A 235 17.03 0.54 -4.48
C ASP A 235 17.56 -0.87 -4.35
N ILE A 236 16.72 -1.85 -4.76
CA ILE A 236 17.02 -3.27 -4.69
C ILE A 236 16.98 -3.93 -6.05
N TRP A 237 17.90 -4.88 -6.30
CA TRP A 237 17.92 -5.66 -7.54
C TRP A 237 18.08 -7.16 -7.25
N VAL A 238 17.40 -7.98 -8.06
CA VAL A 238 17.44 -9.45 -8.06
C VAL A 238 17.38 -9.87 -9.53
N ALA A 239 17.55 -11.17 -9.84
CA ALA A 239 17.56 -11.66 -11.22
C ALA A 239 16.84 -13.03 -11.39
N SER A 240 16.74 -13.56 -12.66
CA SER A 240 16.12 -14.85 -13.02
C SER A 240 16.79 -16.07 -12.36
N HIS A 241 18.10 -15.97 -12.13
CA HIS A 241 18.92 -17.01 -11.50
C HIS A 241 19.60 -16.48 -10.23
N ALA A 242 19.58 -17.29 -9.16
CA ALA A 242 20.15 -16.96 -7.85
C ALA A 242 21.65 -16.57 -7.91
N SER A 243 22.42 -17.32 -8.73
CA SER A 243 23.85 -17.08 -8.95
C SER A 243 24.17 -15.68 -9.47
N GLN A 244 23.26 -15.06 -10.26
CA GLN A 244 23.42 -13.75 -10.90
C GLN A 244 23.47 -12.60 -9.91
N PHE A 245 22.72 -12.71 -8.81
CA PHE A 245 22.74 -11.70 -7.77
C PHE A 245 23.43 -12.21 -6.52
N ASP A 246 24.21 -13.32 -6.68
CA ASP A 246 25.05 -13.98 -5.66
C ASP A 246 24.30 -14.21 -4.35
N LEU A 247 23.11 -14.84 -4.44
CA LEU A 247 22.24 -15.10 -3.30
C LEU A 247 22.90 -15.94 -2.24
N HIS A 248 23.58 -17.03 -2.65
CA HIS A 248 24.23 -17.99 -1.74
C HIS A 248 25.55 -17.54 -1.14
N GLU A 249 26.11 -16.44 -1.65
CA GLU A 249 27.33 -15.80 -1.12
C GLU A 249 26.91 -14.76 -0.07
N LYS A 250 25.75 -14.10 -0.32
CA LYS A 250 25.14 -13.07 0.51
C LYS A 250 24.49 -13.65 1.75
N ARG A 251 23.78 -14.79 1.62
CA ARG A 251 23.08 -15.41 2.75
C ARG A 251 23.04 -16.92 2.73
N LYS A 252 22.75 -17.50 3.91
CA LYS A 252 22.55 -18.92 4.13
C LYS A 252 21.07 -19.06 4.49
N GLU A 253 20.47 -20.22 4.27
CA GLU A 253 19.06 -20.42 4.65
C GLU A 253 18.88 -20.21 6.16
N GLY A 254 17.75 -19.60 6.52
CA GLY A 254 17.45 -19.29 7.91
C GLY A 254 17.78 -17.85 8.29
N ASP A 255 18.73 -17.20 7.58
CA ASP A 255 19.19 -15.82 7.85
C ASP A 255 18.03 -14.84 7.96
N PRO A 256 18.04 -13.90 8.93
CA PRO A 256 16.88 -12.99 9.10
C PRO A 256 16.71 -11.95 8.01
N TYR A 257 15.51 -11.34 7.97
CA TYR A 257 15.13 -10.28 7.03
C TYR A 257 16.23 -9.21 6.96
N ASN A 258 16.82 -9.04 5.77
CA ASN A 258 17.95 -8.12 5.51
C ASN A 258 17.94 -7.59 4.05
N PRO A 259 17.02 -6.64 3.72
CA PRO A 259 16.99 -6.07 2.35
C PRO A 259 18.30 -5.50 1.82
N GLN A 260 19.21 -5.02 2.71
CA GLN A 260 20.52 -4.40 2.36
C GLN A 260 21.47 -5.33 1.66
N LEU A 261 21.19 -6.64 1.69
CA LEU A 261 21.98 -7.65 0.97
C LEU A 261 21.78 -7.44 -0.53
N PHE A 262 20.57 -6.98 -0.93
CA PHE A 262 20.17 -6.78 -2.31
C PHE A 262 20.23 -5.33 -2.79
N MET A 263 21.02 -4.52 -2.10
CA MET A 263 21.23 -3.10 -2.38
C MET A 263 22.63 -2.86 -2.92
N ASP A 264 23.25 -3.90 -3.50
CA ASP A 264 24.58 -3.81 -4.04
C ASP A 264 24.47 -3.38 -5.50
N LYS A 265 24.07 -2.11 -5.70
CA LYS A 265 23.89 -1.48 -7.00
C LYS A 265 25.12 -1.60 -7.89
N GLN A 266 26.33 -1.37 -7.35
CA GLN A 266 27.56 -1.46 -8.14
C GLN A 266 27.82 -2.83 -8.76
N SER A 267 27.36 -3.91 -8.11
CA SER A 267 27.46 -5.28 -8.62
C SER A 267 26.52 -5.50 -9.82
N TYR A 268 25.36 -4.81 -9.84
CA TYR A 268 24.42 -4.89 -10.97
C TYR A 268 25.10 -4.28 -12.19
N PHE A 269 25.75 -3.10 -12.03
CA PHE A 269 26.43 -2.41 -13.12
C PHE A 269 27.70 -3.12 -13.59
N GLN A 270 28.42 -3.78 -12.68
CA GLN A 270 29.63 -4.54 -13.01
C GLN A 270 29.27 -5.76 -13.86
N ASN A 271 28.22 -6.51 -13.46
CA ASN A 271 27.72 -7.68 -14.18
C ASN A 271 27.15 -7.27 -15.52
N LEU A 272 26.45 -6.13 -15.58
CA LEU A 272 25.87 -5.60 -16.81
C LEU A 272 26.95 -5.24 -17.81
N ASN A 273 28.03 -4.59 -17.34
CA ASN A 273 29.17 -4.17 -18.17
C ASN A 273 29.95 -5.40 -18.65
N ASP A 274 30.04 -6.47 -17.84
CA ASP A 274 30.72 -7.71 -18.22
C ASP A 274 29.95 -8.41 -19.32
N LEU A 275 28.60 -8.28 -19.30
CA LEU A 275 27.72 -8.85 -20.30
C LEU A 275 27.80 -8.05 -21.62
N GLU A 276 28.00 -6.71 -21.54
CA GLU A 276 28.15 -5.84 -22.72
C GLU A 276 29.52 -6.07 -23.34
N LYS A 277 30.58 -6.21 -22.50
CA LYS A 277 31.97 -6.50 -22.92
C LYS A 277 32.02 -7.76 -23.76
N SER A 278 31.36 -8.85 -23.31
CA SER A 278 31.33 -10.08 -24.09
C SER A 278 30.39 -9.97 -25.30
N TYR A 279 29.30 -9.17 -25.17
CA TYR A 279 28.37 -8.94 -26.29
C TYR A 279 29.09 -8.28 -27.46
N LEU A 280 29.88 -7.21 -27.17
CA LEU A 280 30.64 -6.48 -28.17
C LEU A 280 31.75 -7.35 -28.72
N ASN A 281 32.39 -8.17 -27.88
CA ASN A 281 33.44 -9.07 -28.33
C ASN A 281 32.91 -10.09 -29.32
N LYS A 282 31.63 -10.47 -29.14
CA LYS A 282 30.94 -11.41 -30.05
C LYS A 282 30.66 -10.72 -31.41
N ILE A 283 30.12 -9.47 -31.39
CA ILE A 283 29.81 -8.73 -32.61
C ILE A 283 31.03 -8.34 -33.47
N LYS A 284 32.23 -8.23 -32.87
CA LYS A 284 33.41 -7.91 -33.69
C LYS A 284 33.73 -8.99 -34.73
N LYS A 285 33.39 -10.27 -34.41
CA LYS A 285 33.52 -11.42 -35.31
C LYS A 285 32.63 -11.31 -36.58
N ASP A 286 31.60 -10.41 -36.54
CA ASP A 286 30.63 -10.08 -37.60
C ASP A 286 29.94 -11.30 -38.23
N VAL B 20 -4.04 33.68 28.06
CA VAL B 20 -3.68 33.88 26.65
C VAL B 20 -3.55 32.56 25.89
N VAL B 21 -4.11 32.53 24.68
CA VAL B 21 -4.11 31.38 23.77
C VAL B 21 -2.91 31.52 22.82
N LYS B 22 -2.12 30.44 22.65
CA LYS B 22 -0.98 30.42 21.73
C LYS B 22 -0.76 29.03 21.13
N GLU B 23 -1.04 28.91 19.83
CA GLU B 23 -0.87 27.66 19.09
C GLU B 23 0.63 27.39 18.88
N PRO B 24 1.09 26.12 18.78
CA PRO B 24 2.52 25.88 18.55
C PRO B 24 3.04 26.61 17.32
N GLU B 25 4.33 27.00 17.36
CA GLU B 25 5.03 27.76 16.32
C GLU B 25 5.11 27.25 14.85
N ASN B 26 5.66 26.04 14.60
CA ASN B 26 5.85 25.49 13.25
C ASN B 26 4.74 24.54 12.77
N MET B 27 3.51 25.06 12.56
CA MET B 27 2.36 24.30 12.10
C MET B 27 2.50 23.96 10.61
N PRO B 28 1.96 22.83 10.11
CA PRO B 28 2.05 22.54 8.67
C PRO B 28 1.17 23.46 7.86
N LYS B 29 1.64 23.79 6.65
CA LYS B 29 1.01 24.70 5.68
C LYS B 29 -0.43 24.27 5.36
N GLU B 30 -0.62 22.96 5.11
CA GLU B 30 -1.90 22.34 4.72
C GLU B 30 -3.02 22.49 5.75
N TRP B 31 -2.67 22.78 7.01
CA TRP B 31 -3.64 22.92 8.09
C TRP B 31 -4.53 24.15 7.98
N ASN B 32 -3.96 25.28 7.55
CA ASN B 32 -4.65 26.57 7.41
C ASN B 32 -4.93 26.90 5.94
N GLN B 33 -4.55 25.99 5.04
CA GLN B 33 -4.72 26.11 3.60
C GLN B 33 -6.18 25.80 3.24
N ALA B 34 -6.81 26.66 2.41
CA ALA B 34 -8.21 26.51 2.01
C ALA B 34 -8.45 25.33 1.11
N TYR B 35 -9.64 24.73 1.22
CA TYR B 35 -10.09 23.61 0.39
C TYR B 35 -11.57 23.82 0.09
N GLU B 36 -11.95 23.65 -1.17
CA GLU B 36 -13.31 23.85 -1.64
C GLU B 36 -14.25 22.76 -1.09
N PRO B 37 -15.35 23.15 -0.43
CA PRO B 37 -16.26 22.15 0.16
C PRO B 37 -16.95 21.24 -0.86
N PHE B 38 -17.30 20.00 -0.44
CA PHE B 38 -17.98 19.02 -1.31
C PHE B 38 -18.92 18.09 -0.53
N ARG B 39 -19.80 17.39 -1.25
CA ARG B 39 -20.74 16.43 -0.69
C ARG B 39 -20.06 15.07 -0.64
N ILE B 40 -19.93 14.49 0.57
CA ILE B 40 -19.31 13.18 0.71
C ILE B 40 -20.33 12.10 0.31
N ALA B 41 -21.41 11.97 1.09
CA ALA B 41 -22.49 10.99 0.88
C ALA B 41 -23.75 11.49 1.56
N GLY B 42 -24.87 11.44 0.85
CA GLY B 42 -26.17 11.86 1.36
C GLY B 42 -26.15 13.26 1.91
N ASN B 43 -26.32 13.38 3.23
CA ASN B 43 -26.35 14.68 3.90
C ASN B 43 -25.07 15.06 4.65
N LEU B 44 -23.97 14.35 4.32
CA LEU B 44 -22.64 14.57 4.88
C LEU B 44 -21.78 15.34 3.88
N TYR B 45 -21.22 16.45 4.35
CA TYR B 45 -20.40 17.36 3.55
C TYR B 45 -19.07 17.61 4.23
N TYR B 46 -18.02 17.81 3.42
CA TYR B 46 -16.69 18.16 3.91
C TYR B 46 -16.60 19.68 3.86
N VAL B 47 -16.38 20.32 5.03
CA VAL B 47 -16.30 21.80 5.13
C VAL B 47 -14.96 22.24 5.76
N GLY B 48 -14.05 21.29 5.95
CA GLY B 48 -12.74 21.51 6.53
C GLY B 48 -11.75 22.22 5.63
N THR B 49 -10.50 22.34 6.10
CA THR B 49 -9.40 22.96 5.37
C THR B 49 -8.74 21.88 4.51
N TYR B 50 -7.59 22.22 3.89
CA TYR B 50 -6.85 21.26 3.05
C TYR B 50 -6.56 19.95 3.78
N ASP B 51 -6.10 20.02 5.05
CA ASP B 51 -5.83 18.81 5.84
C ASP B 51 -6.73 18.61 7.06
N LEU B 52 -7.22 19.70 7.65
CA LEU B 52 -8.05 19.57 8.85
C LEU B 52 -9.50 19.38 8.54
N ALA B 53 -9.92 18.12 8.59
CA ALA B 53 -11.29 17.71 8.30
C ALA B 53 -12.31 18.24 9.28
N SER B 54 -13.36 18.84 8.74
CA SER B 54 -14.51 19.37 9.45
C SER B 54 -15.73 18.88 8.68
N TYR B 55 -16.62 18.15 9.38
CA TYR B 55 -17.80 17.54 8.77
C TYR B 55 -19.09 18.24 9.11
N LEU B 56 -19.93 18.44 8.09
CA LEU B 56 -21.24 19.06 8.25
C LEU B 56 -22.35 18.07 7.87
N ILE B 57 -23.27 17.85 8.82
CA ILE B 57 -24.44 16.99 8.62
C ILE B 57 -25.66 17.91 8.62
N VAL B 58 -26.31 18.00 7.47
CA VAL B 58 -27.45 18.86 7.25
C VAL B 58 -28.73 18.09 7.53
N THR B 59 -29.57 18.59 8.46
CA THR B 59 -30.87 17.95 8.73
C THR B 59 -32.03 18.94 8.53
N ASP B 60 -33.25 18.40 8.58
CA ASP B 60 -34.52 19.11 8.50
C ASP B 60 -34.79 19.92 9.76
N LYS B 61 -34.08 19.60 10.84
CA LYS B 61 -34.22 20.25 12.15
C LYS B 61 -32.99 21.08 12.53
N GLY B 62 -32.07 21.26 11.59
CA GLY B 62 -30.82 21.97 11.84
C GLY B 62 -29.58 21.19 11.43
N ASN B 63 -28.40 21.75 11.74
CA ASN B 63 -27.10 21.16 11.35
C ASN B 63 -26.21 20.73 12.50
N ILE B 64 -25.33 19.78 12.19
CA ILE B 64 -24.34 19.24 13.11
C ILE B 64 -22.97 19.49 12.49
N LEU B 65 -22.02 19.95 13.33
CA LEU B 65 -20.66 20.15 12.87
C LEU B 65 -19.70 19.31 13.71
N ILE B 66 -18.97 18.37 13.07
CA ILE B 66 -17.96 17.56 13.73
C ILE B 66 -16.62 18.11 13.33
N ASN B 67 -15.85 18.51 14.35
CA ASN B 67 -14.52 19.09 14.22
C ASN B 67 -14.47 20.48 13.59
N THR B 68 -13.39 21.15 13.87
CA THR B 68 -13.03 22.43 13.30
C THR B 68 -11.58 22.16 13.03
N GLY B 69 -10.85 23.20 12.69
CA GLY B 69 -9.40 23.09 12.52
C GLY B 69 -8.79 23.95 13.61
N THR B 70 -7.75 24.70 13.26
CA THR B 70 -7.10 25.63 14.18
C THR B 70 -7.97 26.89 14.34
N ALA B 71 -7.46 27.92 15.06
CA ALA B 71 -8.17 29.18 15.27
C ALA B 71 -8.51 29.87 13.95
N GLU B 72 -7.53 29.89 13.02
CA GLU B 72 -7.67 30.51 11.70
C GLU B 72 -8.55 29.73 10.70
N SER B 73 -9.07 28.56 11.11
CA SER B 73 -9.97 27.75 10.30
C SER B 73 -11.43 28.27 10.40
N PHE B 74 -11.73 29.12 11.40
CA PHE B 74 -13.04 29.72 11.64
C PHE B 74 -13.62 30.47 10.43
N PRO B 75 -12.91 31.47 9.81
CA PRO B 75 -13.48 32.12 8.62
C PRO B 75 -13.67 31.16 7.45
N ILE B 76 -12.71 30.20 7.26
CA ILE B 76 -12.71 29.17 6.22
C ILE B 76 -13.92 28.26 6.30
N ILE B 77 -14.19 27.66 7.47
CA ILE B 77 -15.32 26.75 7.66
C ILE B 77 -16.64 27.47 7.43
N LYS B 78 -16.75 28.71 7.96
CA LYS B 78 -17.92 29.56 7.79
C LYS B 78 -18.17 29.84 6.31
N ALA B 79 -17.10 30.12 5.56
CA ALA B 79 -17.14 30.40 4.12
C ALA B 79 -17.52 29.17 3.31
N ASN B 80 -16.97 28.01 3.70
CA ASN B 80 -17.23 26.70 3.08
C ASN B 80 -18.70 26.30 3.26
N ILE B 81 -19.25 26.52 4.48
CA ILE B 81 -20.66 26.22 4.77
C ILE B 81 -21.56 27.06 3.84
N GLN B 82 -21.28 28.37 3.69
CA GLN B 82 -21.99 29.30 2.80
C GLN B 82 -21.92 28.83 1.32
N LYS B 83 -20.71 28.46 0.84
CA LYS B 83 -20.44 27.98 -0.52
C LYS B 83 -21.35 26.79 -0.93
N LEU B 84 -21.67 25.89 0.00
CA LEU B 84 -22.55 24.77 -0.31
C LEU B 84 -24.05 25.15 -0.30
N GLY B 85 -24.35 26.39 0.11
CA GLY B 85 -25.72 26.90 0.21
C GLY B 85 -26.35 26.69 1.57
N PHE B 86 -25.51 26.47 2.63
CA PHE B 86 -26.03 26.26 3.99
C PHE B 86 -25.68 27.40 4.93
N ASN B 87 -26.42 27.51 6.03
CA ASN B 87 -26.20 28.57 7.03
C ASN B 87 -25.56 27.99 8.29
N TYR B 88 -24.37 28.51 8.66
CA TYR B 88 -23.65 28.10 9.87
C TYR B 88 -24.45 28.47 11.14
N LYS B 89 -25.36 29.47 11.05
CA LYS B 89 -26.22 29.91 12.16
C LYS B 89 -27.27 28.83 12.52
N ASP B 90 -27.37 27.80 11.68
CA ASP B 90 -28.29 26.67 11.83
C ASP B 90 -27.59 25.43 12.40
N ILE B 91 -26.30 25.58 12.82
CA ILE B 91 -25.60 24.49 13.48
C ILE B 91 -26.22 24.41 14.87
N LYS B 92 -26.88 23.29 15.15
CA LYS B 92 -27.54 23.05 16.42
C LYS B 92 -26.67 22.29 17.39
N ILE B 93 -25.72 21.45 16.89
CA ILE B 93 -24.82 20.61 17.70
C ILE B 93 -23.38 20.64 17.20
N LEU B 94 -22.43 20.77 18.14
CA LEU B 94 -21.00 20.74 17.85
C LEU B 94 -20.40 19.46 18.44
N LEU B 95 -19.67 18.67 17.63
CA LEU B 95 -19.04 17.41 18.05
C LEU B 95 -17.54 17.36 17.78
N LEU B 96 -16.81 16.46 18.49
CA LEU B 96 -15.35 16.33 18.46
C LEU B 96 -14.88 14.91 18.34
N THR B 97 -13.77 14.68 17.62
CA THR B 97 -13.19 13.34 17.54
C THR B 97 -11.97 13.21 18.47
N GLN B 98 -11.38 14.35 18.88
CA GLN B 98 -10.21 14.44 19.75
C GLN B 98 -10.04 15.89 20.26
N ALA B 99 -9.58 16.06 21.51
CA ALA B 99 -9.40 17.37 22.13
C ALA B 99 -7.99 17.96 21.96
N HIS B 100 -7.61 18.20 20.69
CA HIS B 100 -6.36 18.84 20.27
C HIS B 100 -6.72 20.09 19.47
N TYR B 101 -5.92 21.18 19.64
CA TYR B 101 -6.12 22.49 19.00
C TYR B 101 -6.43 22.47 17.51
N ASP B 102 -5.87 21.46 16.78
CA ASP B 102 -6.08 21.33 15.34
C ASP B 102 -7.45 20.80 14.97
N HIS B 103 -8.29 20.52 15.99
CA HIS B 103 -9.66 20.04 15.86
C HIS B 103 -10.64 20.83 16.74
N THR B 104 -10.11 21.63 17.67
CA THR B 104 -10.91 22.40 18.64
C THR B 104 -10.71 23.90 18.53
N GLY B 105 -9.78 24.33 17.65
CA GLY B 105 -9.36 25.72 17.47
C GLY B 105 -10.45 26.76 17.29
N ALA B 106 -11.53 26.40 16.59
CA ALA B 106 -12.64 27.31 16.31
C ALA B 106 -13.92 26.99 17.06
N LEU B 107 -13.86 26.02 17.99
CA LEU B 107 -14.99 25.53 18.80
C LEU B 107 -15.70 26.60 19.62
N GLN B 108 -14.93 27.47 20.31
CA GLN B 108 -15.52 28.55 21.12
C GLN B 108 -16.12 29.60 20.20
N ASP B 109 -15.42 29.92 19.11
CA ASP B 109 -15.83 30.88 18.09
C ASP B 109 -17.19 30.47 17.55
N PHE B 110 -17.38 29.17 17.27
CA PHE B 110 -18.64 28.59 16.81
C PHE B 110 -19.72 28.63 17.88
N LYS B 111 -19.39 28.18 19.12
CA LYS B 111 -20.35 28.15 20.22
C LYS B 111 -20.95 29.53 20.54
N THR B 112 -20.12 30.60 20.55
CA THR B 112 -20.59 31.97 20.83
C THR B 112 -21.42 32.57 19.67
N GLU B 113 -20.93 32.44 18.44
CA GLU B 113 -21.58 33.00 17.26
C GLU B 113 -22.87 32.32 16.81
N THR B 114 -23.08 31.06 17.21
CA THR B 114 -24.26 30.28 16.78
C THR B 114 -25.20 29.85 17.90
N ALA B 115 -24.73 29.88 19.17
CA ALA B 115 -25.50 29.38 20.34
C ALA B 115 -25.96 27.90 20.13
N ALA B 116 -25.04 27.10 19.58
CA ALA B 116 -25.19 25.68 19.35
C ALA B 116 -24.80 25.01 20.65
N LYS B 117 -25.25 23.77 20.86
CA LYS B 117 -24.90 23.01 22.04
C LYS B 117 -23.66 22.18 21.72
N PHE B 118 -22.75 22.06 22.69
CA PHE B 118 -21.53 21.31 22.53
C PHE B 118 -21.55 20.04 23.37
N TYR B 119 -21.49 18.88 22.70
CA TYR B 119 -21.50 17.56 23.34
C TYR B 119 -20.13 16.92 23.10
N VAL B 120 -19.51 16.38 24.16
CA VAL B 120 -18.18 15.78 24.09
C VAL B 120 -18.04 14.52 24.94
N ASP B 121 -17.04 13.68 24.61
CA ASP B 121 -16.68 12.47 25.34
C ASP B 121 -16.32 12.90 26.75
N LYS B 122 -16.90 12.23 27.76
CA LYS B 122 -16.67 12.57 29.16
C LYS B 122 -15.19 12.69 29.52
N ALA B 123 -14.36 11.75 29.04
CA ALA B 123 -12.92 11.72 29.32
C ALA B 123 -12.11 12.94 28.89
N ASP B 124 -12.61 13.76 27.94
CA ASP B 124 -11.88 14.93 27.45
C ASP B 124 -12.32 16.28 28.02
N VAL B 125 -13.29 16.27 28.94
CA VAL B 125 -13.86 17.46 29.59
C VAL B 125 -12.83 18.46 30.13
N ASP B 126 -11.90 18.02 31.01
CA ASP B 126 -10.88 18.89 31.61
C ASP B 126 -9.97 19.54 30.57
N VAL B 127 -9.54 18.80 29.55
CA VAL B 127 -8.72 19.34 28.45
C VAL B 127 -9.44 20.52 27.75
N LEU B 128 -10.77 20.40 27.56
CA LEU B 128 -11.57 21.42 26.92
C LEU B 128 -11.82 22.66 27.76
N ARG B 129 -12.04 22.47 29.06
CA ARG B 129 -12.29 23.55 30.01
C ARG B 129 -11.01 24.35 30.31
N THR B 130 -9.82 23.71 30.17
CA THR B 130 -8.51 24.31 30.41
C THR B 130 -7.79 24.72 29.13
N GLY B 131 -8.47 24.60 27.99
CA GLY B 131 -7.92 24.96 26.68
C GLY B 131 -6.62 24.27 26.33
N GLY B 132 -6.47 23.04 26.79
CA GLY B 132 -5.29 22.23 26.51
C GLY B 132 -4.31 22.02 27.65
N LYS B 133 -4.39 22.86 28.71
CA LYS B 133 -3.47 22.78 29.85
C LYS B 133 -3.41 21.41 30.52
N SER B 134 -4.55 20.71 30.64
CA SER B 134 -4.56 19.39 31.30
C SER B 134 -4.18 18.21 30.38
N ASP B 135 -3.89 18.45 29.08
CA ASP B 135 -3.53 17.36 28.17
C ASP B 135 -2.20 16.70 28.60
N TYR B 136 -2.23 15.33 28.76
CA TYR B 136 -1.10 14.47 29.15
C TYR B 136 0.13 14.70 28.24
N GLU B 137 -0.07 15.25 27.02
CA GLU B 137 1.03 15.54 26.12
C GLU B 137 1.03 17.00 25.65
N MET B 138 -0.13 17.53 25.22
CA MET B 138 -0.28 18.89 24.70
C MET B 138 -0.26 20.03 25.74
N GLY B 139 -0.33 19.65 27.02
CA GLY B 139 -0.30 20.55 28.17
C GLY B 139 1.00 21.31 28.28
N LYS B 140 2.12 20.70 27.82
CA LYS B 140 3.47 21.32 27.81
C LYS B 140 3.48 22.65 27.02
N TYR B 141 2.51 22.83 26.10
CA TYR B 141 2.34 24.03 25.28
C TYR B 141 1.39 25.07 25.92
N GLY B 142 0.83 24.75 27.08
CA GLY B 142 -0.08 25.63 27.80
C GLY B 142 -1.47 25.65 27.22
N VAL B 143 -1.98 26.87 26.87
CA VAL B 143 -3.30 27.06 26.27
C VAL B 143 -3.13 27.16 24.76
N THR B 144 -3.45 26.07 24.05
CA THR B 144 -3.31 25.97 22.59
C THR B 144 -4.59 26.33 21.85
N PHE B 145 -5.72 26.43 22.57
CA PHE B 145 -7.01 26.76 21.99
C PHE B 145 -7.91 27.40 23.03
N LYS B 146 -8.88 28.23 22.60
CA LYS B 146 -9.86 28.91 23.47
C LYS B 146 -10.63 27.87 24.23
N PRO B 147 -10.50 27.83 25.58
CA PRO B 147 -11.27 26.84 26.35
C PRO B 147 -12.78 26.91 26.13
N VAL B 148 -13.45 25.74 26.14
CA VAL B 148 -14.89 25.58 25.92
C VAL B 148 -15.53 24.68 26.99
N THR B 149 -16.79 24.99 27.38
CA THR B 149 -17.55 24.26 28.38
C THR B 149 -18.67 23.42 27.75
N PRO B 150 -18.56 22.07 27.79
CA PRO B 150 -19.61 21.25 27.16
C PRO B 150 -20.95 21.33 27.86
N ASP B 151 -22.03 21.36 27.07
CA ASP B 151 -23.42 21.39 27.51
C ASP B 151 -23.87 19.99 27.94
N LYS B 152 -23.22 18.96 27.41
CA LYS B 152 -23.52 17.56 27.71
C LYS B 152 -22.23 16.75 27.59
N THR B 153 -22.18 15.64 28.31
CA THR B 153 -21.05 14.70 28.28
C THR B 153 -21.55 13.34 27.75
N LEU B 154 -20.74 12.71 26.90
CA LEU B 154 -21.10 11.46 26.29
C LEU B 154 -20.18 10.31 26.65
N LYS B 155 -20.78 9.13 26.76
CA LYS B 155 -20.12 7.87 27.06
C LYS B 155 -20.25 7.00 25.82
N ASP B 156 -19.49 5.90 25.76
CA ASP B 156 -19.54 4.99 24.63
C ASP B 156 -20.99 4.55 24.37
N GLN B 157 -21.34 4.47 23.08
CA GLN B 157 -22.64 4.03 22.54
C GLN B 157 -23.79 5.01 22.72
N ASP B 158 -23.51 6.22 23.24
CA ASP B 158 -24.52 7.25 23.41
C ASP B 158 -24.98 7.74 22.06
N LYS B 159 -26.29 7.94 21.90
CA LYS B 159 -26.94 8.40 20.68
C LYS B 159 -27.18 9.91 20.70
N ILE B 160 -26.82 10.60 19.59
CA ILE B 160 -27.02 12.05 19.38
C ILE B 160 -28.05 12.14 18.26
N LYS B 161 -29.18 12.80 18.52
CA LYS B 161 -30.27 12.87 17.55
C LYS B 161 -30.65 14.29 17.18
N LEU B 162 -30.88 14.53 15.88
CA LEU B 162 -31.28 15.81 15.29
C LEU B 162 -31.95 15.43 13.99
N GLY B 163 -33.25 15.68 13.89
CA GLY B 163 -34.04 15.25 12.74
C GLY B 163 -34.11 13.73 12.74
N ASN B 164 -34.04 13.13 11.53
CA ASN B 164 -34.06 11.67 11.35
C ASN B 164 -32.67 11.07 11.55
N ILE B 165 -31.61 11.91 11.48
CA ILE B 165 -30.20 11.56 11.69
C ILE B 165 -29.95 11.16 13.16
N THR B 166 -29.25 10.03 13.35
CA THR B 166 -28.83 9.49 14.65
C THR B 166 -27.35 9.11 14.57
N LEU B 167 -26.54 9.73 15.42
CA LEU B 167 -25.11 9.45 15.49
C LEU B 167 -24.81 8.69 16.75
N THR B 168 -23.90 7.71 16.66
CA THR B 168 -23.48 6.92 17.82
C THR B 168 -22.04 7.26 18.09
N LEU B 169 -21.74 7.63 19.35
CA LEU B 169 -20.37 7.92 19.75
C LEU B 169 -19.67 6.59 20.04
N LEU B 170 -18.49 6.39 19.43
CA LEU B 170 -17.68 5.20 19.66
C LEU B 170 -16.43 5.67 20.40
N HIS B 171 -16.33 5.35 21.69
CA HIS B 171 -15.18 5.69 22.52
C HIS B 171 -13.93 4.98 22.01
N HIS B 172 -12.98 5.76 21.47
CA HIS B 172 -11.72 5.28 20.91
C HIS B 172 -10.55 6.02 21.58
N PRO B 173 -10.29 5.75 22.91
CA PRO B 173 -9.23 6.49 23.61
C PRO B 173 -7.79 6.15 23.21
N GLY B 174 -6.85 6.89 23.79
CA GLY B 174 -5.41 6.73 23.54
C GLY B 174 -4.83 8.05 23.08
N HIS B 175 -5.09 8.42 21.83
CA HIS B 175 -4.64 9.67 21.21
C HIS B 175 -4.87 10.86 22.15
N THR B 176 -6.10 10.90 22.69
CA THR B 176 -6.55 11.77 23.77
C THR B 176 -7.32 10.78 24.68
N LYS B 177 -7.51 11.13 25.97
CA LYS B 177 -8.25 10.31 26.93
C LYS B 177 -9.69 10.03 26.44
N GLY B 178 -10.26 11.00 25.72
CA GLY B 178 -11.61 10.86 25.18
C GLY B 178 -11.73 10.98 23.68
N SER B 179 -10.72 10.51 22.93
CA SER B 179 -10.84 10.53 21.46
C SER B 179 -11.95 9.56 21.09
N CYS B 180 -12.69 9.89 20.04
CA CYS B 180 -13.83 9.05 19.65
C CYS B 180 -14.11 9.13 18.17
N SER B 181 -14.90 8.18 17.67
CA SER B 181 -15.35 8.17 16.29
C SER B 181 -16.85 8.22 16.33
N PHE B 182 -17.47 8.49 15.18
CA PHE B 182 -18.92 8.52 15.06
C PHE B 182 -19.39 7.64 13.94
N ILE B 183 -20.50 6.96 14.19
CA ILE B 183 -21.08 6.06 13.20
C ILE B 183 -22.56 6.42 13.03
N PHE B 184 -22.96 6.61 11.77
CA PHE B 184 -24.34 6.96 11.43
C PHE B 184 -24.69 6.54 10.02
N GLU B 185 -26.00 6.51 9.74
CA GLU B 185 -26.51 6.22 8.42
C GLU B 185 -26.98 7.53 7.81
N THR B 186 -26.81 7.66 6.51
CA THR B 186 -27.28 8.80 5.72
C THR B 186 -27.75 8.28 4.37
N LYS B 187 -28.61 9.03 3.70
CA LYS B 187 -29.13 8.56 2.42
C LYS B 187 -29.20 9.60 1.33
N ASP B 188 -29.04 9.15 0.10
CA ASP B 188 -29.25 9.99 -1.07
C ASP B 188 -30.46 9.39 -1.78
N GLU B 189 -30.73 9.83 -3.01
CA GLU B 189 -31.85 9.34 -3.83
C GLU B 189 -31.68 7.87 -4.22
N LYS B 190 -30.42 7.43 -4.37
CA LYS B 190 -30.00 6.08 -4.74
C LYS B 190 -30.04 5.03 -3.58
N ARG B 191 -29.32 5.27 -2.45
CA ARG B 191 -29.20 4.29 -1.35
C ARG B 191 -28.92 4.91 0.04
N LYS B 192 -28.77 4.03 1.06
CA LYS B 192 -28.40 4.35 2.44
C LYS B 192 -26.89 4.06 2.55
N TYR B 193 -26.18 4.72 3.49
CA TYR B 193 -24.75 4.56 3.71
C TYR B 193 -24.42 4.58 5.19
N ARG B 194 -23.74 3.56 5.70
CA ARG B 194 -23.28 3.53 7.09
C ARG B 194 -21.93 4.23 7.07
N VAL B 195 -21.90 5.46 7.59
CA VAL B 195 -20.72 6.31 7.59
C VAL B 195 -19.97 6.26 8.93
N LEU B 196 -18.64 6.07 8.85
CA LEU B 196 -17.74 6.09 10.00
C LEU B 196 -16.82 7.29 9.89
N ILE B 197 -16.83 8.16 10.91
CA ILE B 197 -15.94 9.32 11.02
C ILE B 197 -14.91 8.88 12.06
N ALA B 198 -13.77 8.39 11.60
CA ALA B 198 -12.73 7.82 12.46
C ALA B 198 -11.69 8.75 13.03
N ASN B 199 -11.26 8.48 14.27
CA ASN B 199 -10.14 9.17 14.87
C ASN B 199 -9.04 8.11 14.97
N MET B 200 -8.14 8.10 13.96
CA MET B 200 -7.05 7.13 13.83
C MET B 200 -6.14 7.09 15.08
N PRO B 201 -5.92 5.88 15.64
CA PRO B 201 -5.17 5.80 16.90
C PRO B 201 -3.64 5.91 16.82
N SER B 202 -3.15 7.12 16.59
CA SER B 202 -1.69 7.33 16.58
C SER B 202 -1.14 7.63 17.99
N VAL B 203 0.14 7.28 18.19
CA VAL B 203 0.85 7.49 19.44
C VAL B 203 1.71 8.75 19.33
N ILE B 204 1.38 9.73 20.16
CA ILE B 204 2.03 11.04 20.19
C ILE B 204 3.15 11.14 21.24
N VAL B 205 3.21 10.19 22.22
CA VAL B 205 4.26 10.15 23.26
C VAL B 205 5.52 9.42 22.80
N ASP B 206 6.68 10.05 23.04
CA ASP B 206 8.02 9.55 22.70
C ASP B 206 8.56 8.61 23.80
N LYS B 207 8.16 8.88 25.06
CA LYS B 207 8.55 8.13 26.26
C LYS B 207 7.69 6.87 26.50
N LYS B 208 8.19 5.94 27.36
CA LYS B 208 7.55 4.68 27.75
C LYS B 208 6.19 4.93 28.39
N PHE B 209 5.16 4.18 27.98
CA PHE B 209 3.79 4.33 28.51
C PHE B 209 3.72 4.31 30.05
N SER B 210 4.66 3.60 30.70
CA SER B 210 4.80 3.49 32.14
C SER B 210 5.24 4.82 32.77
N GLU B 211 5.97 5.67 31.99
CA GLU B 211 6.44 6.99 32.43
C GLU B 211 5.26 8.00 32.40
N VAL B 212 4.27 7.77 31.51
CA VAL B 212 3.10 8.65 31.32
C VAL B 212 2.15 8.51 32.52
N THR B 213 2.57 9.10 33.66
CA THR B 213 1.83 9.07 34.92
C THR B 213 0.59 9.97 34.90
N ALA B 214 0.50 10.88 33.90
CA ALA B 214 -0.62 11.79 33.70
C ALA B 214 -1.82 11.04 33.14
N TYR B 215 -1.56 9.93 32.42
CA TYR B 215 -2.57 9.08 31.78
C TYR B 215 -2.28 7.64 32.21
N PRO B 216 -2.79 7.25 33.40
CA PRO B 216 -2.51 5.90 33.92
C PRO B 216 -2.99 4.74 33.05
N ASN B 217 -4.17 4.87 32.42
CA ASN B 217 -4.74 3.82 31.57
C ASN B 217 -4.45 3.95 30.08
N ILE B 218 -3.31 4.57 29.72
CA ILE B 218 -2.88 4.77 28.34
C ILE B 218 -2.73 3.48 27.55
N GLN B 219 -2.03 2.46 28.13
CA GLN B 219 -1.77 1.17 27.48
C GLN B 219 -3.01 0.32 27.28
N SER B 220 -3.87 0.26 28.32
CA SER B 220 -5.11 -0.51 28.26
C SER B 220 -6.07 0.18 27.25
N ASP B 221 -6.15 1.52 27.30
CA ASP B 221 -6.97 2.31 26.40
C ASP B 221 -6.61 2.07 24.92
N TYR B 222 -5.29 2.10 24.58
CA TYR B 222 -4.78 1.83 23.22
C TYR B 222 -5.13 0.40 22.76
N ALA B 223 -4.96 -0.58 23.67
CA ALA B 223 -5.30 -1.98 23.44
C ALA B 223 -6.83 -2.15 23.16
N TYR B 224 -7.69 -1.38 23.90
CA TYR B 224 -9.14 -1.38 23.70
C TYR B 224 -9.51 -0.83 22.32
N THR B 225 -8.94 0.34 21.96
CA THR B 225 -9.16 0.99 20.67
C THR B 225 -8.71 0.12 19.51
N PHE B 226 -7.50 -0.46 19.58
CA PHE B 226 -7.04 -1.32 18.48
C PHE B 226 -7.92 -2.55 18.21
N GLY B 227 -8.54 -3.08 19.25
CA GLY B 227 -9.43 -4.22 19.16
C GLY B 227 -10.79 -3.81 18.60
N VAL B 228 -11.40 -2.78 19.19
CA VAL B 228 -12.74 -2.31 18.84
C VAL B 228 -12.85 -1.68 17.42
N MET B 229 -11.78 -1.03 16.95
CA MET B 229 -11.73 -0.42 15.61
C MET B 229 -11.60 -1.41 14.44
N LYS B 230 -10.97 -2.58 14.66
CA LYS B 230 -10.81 -3.65 13.65
C LYS B 230 -12.13 -4.38 13.36
N LYS B 231 -13.09 -4.34 14.32
CA LYS B 231 -14.37 -5.03 14.20
C LYS B 231 -15.57 -4.15 13.82
N LEU B 232 -15.28 -2.93 13.33
CA LEU B 232 -16.34 -2.00 12.91
C LEU B 232 -16.87 -2.35 11.51
N ASP B 233 -18.19 -2.15 11.32
CA ASP B 233 -18.91 -2.33 10.05
C ASP B 233 -19.44 -0.97 9.59
N PHE B 234 -19.08 -0.60 8.35
CA PHE B 234 -19.43 0.69 7.73
C PHE B 234 -19.39 0.56 6.21
N ASP B 235 -20.00 1.50 5.50
CA ASP B 235 -19.96 1.54 4.04
C ASP B 235 -18.90 2.52 3.63
N ILE B 236 -18.90 3.70 4.29
CA ILE B 236 -17.99 4.79 4.04
C ILE B 236 -17.18 5.17 5.26
N TRP B 237 -15.90 5.50 5.06
CA TRP B 237 -15.02 5.95 6.13
C TRP B 237 -14.25 7.20 5.74
N VAL B 238 -14.06 8.09 6.73
CA VAL B 238 -13.30 9.35 6.65
C VAL B 238 -12.55 9.46 7.99
N ALA B 239 -11.66 10.45 8.13
CA ALA B 239 -10.87 10.62 9.36
C ALA B 239 -10.67 12.10 9.72
N SER B 240 -9.99 12.37 10.87
CA SER B 240 -9.73 13.74 11.39
C SER B 240 -8.86 14.58 10.47
N HIS B 241 -7.97 13.92 9.70
CA HIS B 241 -7.03 14.50 8.73
C HIS B 241 -7.26 13.95 7.33
N ALA B 242 -7.26 14.83 6.31
CA ALA B 242 -7.49 14.52 4.88
C ALA B 242 -6.50 13.47 4.35
N SER B 243 -5.23 13.59 4.73
CA SER B 243 -4.16 12.68 4.33
C SER B 243 -4.39 11.22 4.75
N GLN B 244 -5.11 11.00 5.87
CA GLN B 244 -5.39 9.68 6.44
C GLN B 244 -6.32 8.86 5.58
N PHE B 245 -7.28 9.50 4.90
CA PHE B 245 -8.17 8.80 4.00
C PHE B 245 -7.84 9.12 2.54
N ASP B 246 -6.63 9.68 2.30
CA ASP B 246 -6.05 10.02 1.00
C ASP B 246 -7.02 10.79 0.11
N LEU B 247 -7.58 11.88 0.65
CA LEU B 247 -8.57 12.71 -0.02
C LEU B 247 -8.05 13.30 -1.33
N HIS B 248 -6.82 13.85 -1.30
CA HIS B 248 -6.20 14.53 -2.44
C HIS B 248 -5.64 13.60 -3.52
N GLU B 249 -5.56 12.30 -3.24
CA GLU B 249 -5.14 11.27 -4.19
C GLU B 249 -6.40 10.74 -4.90
N LYS B 250 -7.52 10.68 -4.15
CA LYS B 250 -8.84 10.23 -4.60
C LYS B 250 -9.54 11.24 -5.48
N ARG B 251 -9.44 12.54 -5.14
CA ARG B 251 -10.12 13.60 -5.89
C ARG B 251 -9.36 14.91 -5.93
N LYS B 252 -9.74 15.74 -6.91
CA LYS B 252 -9.26 17.10 -7.12
C LYS B 252 -10.48 18.00 -6.87
N GLU B 253 -10.26 19.30 -6.60
CA GLU B 253 -11.36 20.23 -6.37
C GLU B 253 -12.21 20.35 -7.63
N GLY B 254 -13.53 20.36 -7.44
CA GLY B 254 -14.49 20.46 -8.52
C GLY B 254 -15.09 19.13 -8.93
N ASP B 255 -14.40 18.00 -8.63
CA ASP B 255 -14.84 16.64 -8.98
C ASP B 255 -16.29 16.36 -8.54
N PRO B 256 -17.11 15.66 -9.37
CA PRO B 256 -18.53 15.46 -9.02
C PRO B 256 -18.79 14.51 -7.87
N TYR B 257 -20.04 14.53 -7.37
CA TYR B 257 -20.51 13.68 -6.27
C TYR B 257 -20.17 12.23 -6.56
N ASN B 258 -19.32 11.61 -5.71
CA ASN B 258 -18.83 10.24 -5.88
C ASN B 258 -18.53 9.54 -4.51
N PRO B 259 -19.59 9.11 -3.78
CA PRO B 259 -19.36 8.40 -2.50
C PRO B 259 -18.42 7.18 -2.52
N GLN B 260 -18.31 6.48 -3.68
CA GLN B 260 -17.48 5.27 -3.87
C GLN B 260 -15.99 5.50 -3.67
N LEU B 261 -15.57 6.77 -3.65
CA LEU B 261 -14.17 7.14 -3.40
C LEU B 261 -13.85 6.81 -1.93
N PHE B 262 -14.85 6.92 -1.06
CA PHE B 262 -14.72 6.71 0.38
C PHE B 262 -15.21 5.36 0.88
N MET B 263 -15.27 4.39 -0.04
CA MET B 263 -15.71 3.01 0.21
C MET B 263 -14.53 2.05 0.14
N ASP B 264 -13.32 2.57 0.35
CA ASP B 264 -12.10 1.77 0.32
C ASP B 264 -11.83 1.20 1.71
N LYS B 265 -12.69 0.25 2.10
CA LYS B 265 -12.63 -0.42 3.40
C LYS B 265 -11.26 -1.03 3.70
N GLN B 266 -10.61 -1.70 2.71
CA GLN B 266 -9.30 -2.31 2.92
C GLN B 266 -8.18 -1.34 3.32
N SER B 267 -8.30 -0.08 2.87
CA SER B 267 -7.35 0.98 3.21
C SER B 267 -7.50 1.42 4.68
N TYR B 268 -8.74 1.35 5.21
CA TYR B 268 -8.99 1.66 6.61
C TYR B 268 -8.29 0.63 7.48
N PHE B 269 -8.42 -0.66 7.12
CA PHE B 269 -7.79 -1.76 7.87
C PHE B 269 -6.28 -1.80 7.74
N GLN B 270 -5.73 -1.40 6.57
CA GLN B 270 -4.29 -1.34 6.34
C GLN B 270 -3.65 -0.27 7.20
N ASN B 271 -4.26 0.94 7.25
CA ASN B 271 -3.80 2.07 8.08
C ASN B 271 -3.93 1.75 9.55
N LEU B 272 -5.02 1.06 9.93
CA LEU B 272 -5.26 0.66 11.31
C LEU B 272 -4.21 -0.33 11.78
N ASN B 273 -3.86 -1.31 10.93
CA ASN B 273 -2.86 -2.34 11.21
C ASN B 273 -1.46 -1.72 11.29
N ASP B 274 -1.18 -0.69 10.48
CA ASP B 274 0.11 0.00 10.52
C ASP B 274 0.28 0.77 11.84
N LEU B 275 -0.83 1.27 12.37
CA LEU B 275 -0.88 1.97 13.64
C LEU B 275 -0.74 0.98 14.83
N GLU B 276 -1.30 -0.26 14.65
CA GLU B 276 -1.24 -1.36 15.62
C GLU B 276 0.20 -1.88 15.68
N LYS B 277 0.83 -2.07 14.50
CA LYS B 277 2.22 -2.53 14.32
C LYS B 277 3.20 -1.64 15.09
N SER B 278 3.07 -0.30 14.93
CA SER B 278 3.94 0.61 15.67
C SER B 278 3.58 0.72 17.16
N TYR B 279 2.26 0.67 17.53
CA TYR B 279 1.83 0.68 18.94
C TYR B 279 2.36 -0.58 19.67
N LEU B 280 2.25 -1.78 19.06
CA LEU B 280 2.75 -3.02 19.67
C LEU B 280 4.28 -3.01 19.76
N ASN B 281 4.94 -2.35 18.79
CA ASN B 281 6.39 -2.24 18.82
C ASN B 281 6.85 -1.33 19.93
N LYS B 282 6.09 -0.26 20.22
CA LYS B 282 6.43 0.64 21.32
C LYS B 282 6.30 -0.06 22.67
N ILE B 283 5.19 -0.78 22.91
CA ILE B 283 5.00 -1.51 24.17
C ILE B 283 6.05 -2.60 24.38
N LYS B 284 6.47 -3.31 23.32
CA LYS B 284 7.50 -4.34 23.49
C LYS B 284 8.88 -3.76 23.74
N LYS B 285 9.12 -2.55 23.21
CA LYS B 285 10.34 -1.76 23.41
C LYS B 285 10.33 -1.22 24.86
N ASP B 286 9.15 -0.78 25.36
CA ASP B 286 8.95 -0.24 26.71
C ASP B 286 9.22 -1.23 27.82
N SER B 287 8.99 -2.53 27.57
CA SER B 287 9.19 -3.64 28.52
C SER B 287 10.66 -3.97 28.72
N GLN B 288 11.53 -3.35 27.93
CA GLN B 288 12.97 -3.54 27.98
C GLN B 288 13.62 -2.38 28.73
N ASP B 289 14.82 -2.63 29.27
CA ASP B 289 15.59 -1.65 30.02
C ASP B 289 17.03 -1.74 29.55
N LYS B 290 17.30 -0.98 28.50
CA LYS B 290 18.57 -0.82 27.83
C LYS B 290 19.56 -0.21 28.81
#